data_1W3X
#
_entry.id   1W3X
#
_cell.length_a   46.513
_cell.length_b   70.789
_cell.length_c   100.813
_cell.angle_alpha   90.00
_cell.angle_beta   90.00
_cell.angle_gamma   90.00
#
_symmetry.space_group_name_H-M   'P 21 21 21'
#
loop_
_entity.id
_entity.type
_entity.pdbx_description
1 polymer 'ISOPENICILLIN N SYNTHETASE'
2 non-polymer 'FE (II) ION'
3 non-polymer N~6~-[(1R)-1-({[(1R,2R)-1-CARBOXY-3-HYDROXY-2-METHYLPROPYL]OXY}CARBONYL)-2-MERCAPTOPROP-2-EN-1-YL]-6-OXO-L-LYSINE
4 water water
#
_entity_poly.entity_id   1
_entity_poly.type   'polypeptide(L)'
_entity_poly.pdbx_seq_one_letter_code
;MGSVSKANVPKIDVSPLFGDDQAAKMRVAQQIDAASRDTGFFYAVNHGINVQRLSQKTKEFHMSITPEEKWDLAIRAYNK
EHQDQVRAGYYLSIPGKKAVESFCYLNPNFTPDHPRIQAKTPTHEVNVWPDETKHPGFQDFAEQYYWDVFGLSSALLKGY
ALALGKEENFFARHFKPDDTLASVVLIRYPYLDPYPEAAIKTAADGTKLSFEWHEDVSLITVLYQSNVQNLQVETAAGYQ
DIEADDTGYLINCGSYMAHLTNNYYKAPIHRVKWVNAERQSLPFFVNLGYDSVIDPFDPREPNGKSDREPLSYGDYLQNG
LVSLINKNGQT
;
_entity_poly.pdbx_strand_id   A
#
loop_
_chem_comp.id
_chem_comp.type
_chem_comp.name
_chem_comp.formula
FE2 non-polymer 'FE (II) ION' 'Fe 2'
W2X non-polymer N~6~-[(1R)-1-({[(1R,2R)-1-CARBOXY-3-HYDROXY-2-METHYLPROPYL]OXY}CARBONYL)-2-MERCAPTOPROP-2-EN-1-YL]-6-OXO-L-LYSINE 'C15 H24 N2 O8 S'
#
# COMPACT_ATOMS: atom_id res chain seq x y z
N SER A 3 28.90 5.54 1.80
CA SER A 3 27.68 4.82 1.30
C SER A 3 26.57 4.90 2.31
N VAL A 4 25.38 4.50 1.87
CA VAL A 4 24.24 4.26 2.71
C VAL A 4 24.23 2.83 3.31
N SER A 5 23.96 2.69 4.60
CA SER A 5 23.90 1.37 5.26
C SER A 5 22.61 0.60 4.92
N LYS A 6 22.67 -0.73 4.97
CA LYS A 6 21.50 -1.56 4.70
C LYS A 6 20.60 -1.57 5.92
N ALA A 7 19.31 -1.32 5.71
CA ALA A 7 18.35 -1.40 6.79
C ALA A 7 18.12 -2.87 7.15
N ASN A 8 17.86 -3.10 8.43
CA ASN A 8 17.45 -4.40 8.91
C ASN A 8 16.01 -4.64 8.54
N VAL A 9 15.82 -5.54 7.58
CA VAL A 9 14.51 -5.91 7.12
C VAL A 9 14.47 -7.42 7.13
N PRO A 10 13.99 -7.99 8.24
CA PRO A 10 13.99 -9.44 8.37
C PRO A 10 13.01 -10.10 7.43
N LYS A 11 13.26 -11.34 7.09
CA LYS A 11 12.32 -12.15 6.33
C LYS A 11 11.59 -13.02 7.32
N ILE A 12 10.28 -12.87 7.40
CA ILE A 12 9.43 -13.61 8.32
C ILE A 12 8.55 -14.57 7.57
N ASP A 13 8.64 -15.85 7.91
CA ASP A 13 7.76 -16.86 7.35
C ASP A 13 6.42 -16.69 8.00
N VAL A 14 5.46 -16.18 7.25
CA VAL A 14 4.11 -15.87 7.79
C VAL A 14 3.13 -17.04 7.60
N SER A 15 3.60 -18.15 7.05
CA SER A 15 2.70 -19.26 6.79
C SER A 15 1.91 -19.76 8.02
N PRO A 16 2.47 -19.76 9.24
CA PRO A 16 1.62 -20.16 10.37
C PRO A 16 0.37 -19.32 10.57
N LEU A 17 0.36 -18.10 10.08
CA LEU A 17 -0.78 -17.24 10.28
C LEU A 17 -1.99 -17.66 9.47
N PHE A 18 -1.79 -18.59 8.55
CA PHE A 18 -2.91 -19.14 7.80
C PHE A 18 -3.51 -20.36 8.46
N GLY A 19 -2.86 -20.90 9.49
CA GLY A 19 -3.28 -22.17 10.12
C GLY A 19 -3.80 -22.05 11.53
N ASP A 20 -3.76 -23.18 12.24
CA ASP A 20 -4.38 -23.28 13.56
C ASP A 20 -3.44 -23.69 14.68
N ASP A 21 -2.16 -23.48 14.46
CA ASP A 21 -1.15 -23.77 15.45
C ASP A 21 -0.96 -22.44 16.18
N GLN A 22 -1.65 -22.24 17.31
CA GLN A 22 -1.61 -20.96 18.00
C GLN A 22 -0.21 -20.58 18.50
N ALA A 23 0.56 -21.55 19.01
CA ALA A 23 1.88 -21.28 19.50
C ALA A 23 2.76 -20.79 18.38
N ALA A 24 2.66 -21.48 17.23
CA ALA A 24 3.44 -21.09 16.08
C ALA A 24 3.07 -19.67 15.65
N LYS A 25 1.79 -19.33 15.74
CA LYS A 25 1.34 -17.97 15.40
C LYS A 25 1.97 -16.96 16.34
N MET A 26 2.04 -17.28 17.62
CA MET A 26 2.70 -16.42 18.59
C MET A 26 4.15 -16.16 18.26
N ARG A 27 4.86 -17.19 17.81
CA ARG A 27 6.25 -16.96 17.43
C ARG A 27 6.41 -16.05 16.18
N VAL A 28 5.45 -16.13 15.25
CA VAL A 28 5.45 -15.18 14.14
C VAL A 28 5.13 -13.74 14.66
N ALA A 29 4.13 -13.66 15.55
CA ALA A 29 3.75 -12.37 16.13
C ALA A 29 4.96 -11.69 16.79
N GLN A 30 5.78 -12.47 17.50
CA GLN A 30 6.95 -11.87 18.12
C GLN A 30 7.88 -11.28 17.09
N GLN A 31 8.03 -11.96 15.96
CA GLN A 31 8.89 -11.43 14.90
C GLN A 31 8.34 -10.13 14.31
N ILE A 32 7.04 -10.07 14.13
CA ILE A 32 6.37 -8.87 13.68
C ILE A 32 6.57 -7.76 14.71
N ASP A 33 6.40 -8.09 15.98
CA ASP A 33 6.64 -7.08 17.04
C ASP A 33 8.07 -6.52 16.95
N ALA A 34 9.07 -7.38 16.86
CA ALA A 34 10.45 -6.93 16.80
C ALA A 34 10.69 -6.03 15.58
N ALA A 35 10.22 -6.46 14.42
CA ALA A 35 10.45 -5.67 13.21
C ALA A 35 9.72 -4.32 13.30
N SER A 36 8.52 -4.33 13.87
CA SER A 36 7.73 -3.11 14.00
C SER A 36 8.37 -2.11 14.97
N ARG A 37 9.09 -2.63 15.97
CA ARG A 37 9.75 -1.78 16.95
C ARG A 37 11.11 -1.32 16.46
N ASP A 38 11.66 -1.97 15.43
CA ASP A 38 13.01 -1.66 14.89
C ASP A 38 12.83 -0.71 13.69
N THR A 39 13.14 -1.15 12.47
CA THR A 39 13.03 -0.24 11.32
C THR A 39 11.60 -0.03 10.85
N GLY A 40 10.72 -0.94 11.22
CA GLY A 40 9.35 -0.83 10.82
C GLY A 40 9.04 -1.55 9.52
N PHE A 41 9.98 -2.27 8.97
CA PHE A 41 9.77 -3.02 7.75
C PHE A 41 10.16 -4.46 7.94
N PHE A 42 9.45 -5.36 7.28
CA PHE A 42 9.87 -6.76 7.17
C PHE A 42 9.39 -7.32 5.85
N TYR A 43 10.00 -8.39 5.38
CA TYR A 43 9.48 -9.12 4.24
C TYR A 43 8.71 -10.31 4.72
N ALA A 44 7.48 -10.44 4.25
CA ALA A 44 6.66 -11.61 4.47
C ALA A 44 7.03 -12.62 3.40
N VAL A 45 7.47 -13.79 3.80
CA VAL A 45 7.80 -14.88 2.89
C VAL A 45 6.89 -16.06 3.19
N ASN A 46 6.83 -17.01 2.26
CA ASN A 46 5.89 -18.14 2.37
C ASN A 46 4.46 -17.66 2.48
N HIS A 47 4.16 -16.64 1.69
CA HIS A 47 2.88 -15.95 1.70
C HIS A 47 1.80 -16.55 0.83
N GLY A 48 2.21 -17.46 -0.05
CA GLY A 48 1.27 -18.19 -0.87
C GLY A 48 0.78 -17.52 -2.14
N ILE A 49 1.19 -16.29 -2.44
CA ILE A 49 0.72 -15.60 -3.62
C ILE A 49 1.72 -15.77 -4.78
N ASN A 50 1.17 -15.93 -5.96
CA ASN A 50 1.98 -16.09 -7.17
C ASN A 50 2.35 -14.68 -7.68
N VAL A 51 3.45 -14.15 -7.14
CA VAL A 51 3.85 -12.80 -7.49
C VAL A 51 4.48 -12.70 -8.87
N GLN A 52 5.09 -13.79 -9.36
CA GLN A 52 5.60 -13.75 -10.71
C GLN A 52 4.47 -13.56 -11.72
N ARG A 53 3.36 -14.23 -11.50
CA ARG A 53 2.24 -14.10 -12.43
C ARG A 53 1.64 -12.70 -12.31
N LEU A 54 1.52 -12.19 -11.09
CA LEU A 54 1.11 -10.80 -10.89
C LEU A 54 1.97 -9.87 -11.71
N SER A 55 3.27 -10.01 -11.61
CA SER A 55 4.21 -9.17 -12.38
C SER A 55 4.02 -9.30 -13.87
N GLN A 56 3.80 -10.51 -14.33
CA GLN A 56 3.62 -10.73 -15.76
C GLN A 56 2.34 -10.13 -16.27
N LYS A 57 1.25 -10.33 -15.54
CA LYS A 57 -0.01 -9.76 -15.98
C LYS A 57 0.02 -8.25 -15.92
N THR A 58 0.67 -7.71 -14.92
CA THR A 58 0.79 -6.26 -14.81
C THR A 58 1.63 -5.67 -15.93
N LYS A 59 2.71 -6.35 -16.27
CA LYS A 59 3.55 -5.89 -17.39
C LYS A 59 2.76 -5.92 -18.68
N GLU A 60 2.01 -6.98 -18.91
CA GLU A 60 1.22 -7.07 -20.15
C GLU A 60 0.26 -5.89 -20.25
N PHE A 61 -0.37 -5.51 -19.13
CA PHE A 61 -1.23 -4.34 -19.08
C PHE A 61 -0.50 -3.02 -19.33
N HIS A 62 0.55 -2.75 -18.58
CA HIS A 62 1.25 -1.47 -18.66
C HIS A 62 1.82 -1.26 -20.03
N MET A 63 2.30 -2.33 -20.64
CA MET A 63 3.02 -2.18 -21.90
C MET A 63 2.07 -2.19 -23.09
N SER A 64 0.80 -2.52 -22.91
CA SER A 64 -0.12 -2.54 -24.05
C SER A 64 -1.17 -1.43 -24.00
N ILE A 65 -1.41 -0.85 -22.85
CA ILE A 65 -2.40 0.23 -22.78
C ILE A 65 -1.93 1.44 -23.58
N THR A 66 -2.86 2.03 -24.31
CA THR A 66 -2.54 3.14 -25.20
C THR A 66 -2.93 4.49 -24.61
N PRO A 67 -2.40 5.57 -25.15
CA PRO A 67 -2.79 6.89 -24.66
C PRO A 67 -4.27 7.19 -24.69
N GLU A 68 -4.93 6.67 -25.73
CA GLU A 68 -6.34 6.85 -25.85
C GLU A 68 -7.03 6.25 -24.62
N GLU A 69 -6.64 5.02 -24.29
CA GLU A 69 -7.26 4.32 -23.17
C GLU A 69 -6.96 5.00 -21.85
N LYS A 70 -5.76 5.54 -21.71
CA LYS A 70 -5.40 6.24 -20.49
C LYS A 70 -6.30 7.45 -20.26
N TRP A 71 -6.58 8.23 -21.30
CA TRP A 71 -7.52 9.33 -21.09
C TRP A 71 -8.90 8.82 -20.73
N ASP A 72 -9.32 7.73 -21.38
CA ASP A 72 -10.65 7.21 -21.17
C ASP A 72 -10.84 6.59 -19.78
N LEU A 73 -9.73 6.22 -19.13
CA LEU A 73 -9.74 5.68 -17.77
C LEU A 73 -9.24 6.66 -16.70
N ALA A 74 -8.88 7.87 -17.09
CA ALA A 74 -8.20 8.78 -16.20
C ALA A 74 -8.98 9.27 -15.00
N ILE A 75 -8.32 9.41 -13.85
CA ILE A 75 -8.94 10.07 -12.72
C ILE A 75 -9.17 11.57 -13.02
N ARG A 76 -9.97 12.17 -12.17
CA ARG A 76 -10.38 13.59 -12.29
C ARG A 76 -9.21 14.57 -12.41
N ALA A 77 -8.11 14.28 -11.77
CA ALA A 77 -6.95 15.15 -11.80
C ALA A 77 -6.40 15.36 -13.21
N TYR A 78 -6.62 14.37 -14.08
CA TYR A 78 -6.17 14.41 -15.47
C TYR A 78 -7.27 14.62 -16.47
N ASN A 79 -8.52 14.34 -16.08
CA ASN A 79 -9.65 14.38 -17.00
C ASN A 79 -10.85 14.93 -16.27
N LYS A 80 -11.16 16.19 -16.54
CA LYS A 80 -12.25 16.89 -15.86
C LYS A 80 -13.62 16.23 -16.09
N GLU A 81 -13.74 15.43 -17.14
CA GLU A 81 -15.00 14.74 -17.44
C GLU A 81 -15.34 13.66 -16.40
N HIS A 82 -14.37 13.22 -15.63
CA HIS A 82 -14.56 12.07 -14.76
C HIS A 82 -14.59 12.47 -13.28
N GLN A 83 -15.58 13.27 -12.92
CA GLN A 83 -15.69 13.83 -11.59
C GLN A 83 -15.88 12.83 -10.46
N ASP A 84 -16.35 11.64 -10.78
CA ASP A 84 -16.53 10.59 -9.77
C ASP A 84 -15.23 9.83 -9.50
N GLN A 85 -14.23 10.00 -10.36
CA GLN A 85 -12.99 9.24 -10.21
C GLN A 85 -11.96 10.02 -9.46
N VAL A 86 -11.96 9.92 -8.16
CA VAL A 86 -10.98 10.56 -7.37
C VAL A 86 -9.82 9.61 -7.10
N ARG A 87 -10.13 8.37 -6.78
CA ARG A 87 -9.17 7.34 -6.41
C ARG A 87 -8.90 6.32 -7.51
N ALA A 88 -9.97 5.80 -8.09
CA ALA A 88 -9.86 4.67 -9.03
C ALA A 88 -9.71 5.13 -10.48
N GLY A 89 -8.76 4.54 -11.19
CA GLY A 89 -8.52 4.81 -12.59
C GLY A 89 -7.06 5.02 -12.89
N TYR A 90 -6.84 5.62 -14.04
CA TYR A 90 -5.50 5.82 -14.54
C TYR A 90 -4.91 7.16 -14.12
N TYR A 91 -3.65 7.11 -13.70
CA TYR A 91 -2.88 8.26 -13.27
C TYR A 91 -1.79 8.41 -14.33
N LEU A 92 -1.88 9.41 -15.20
CA LEU A 92 -1.01 9.54 -16.34
C LEU A 92 0.37 10.09 -16.01
N SER A 93 1.34 9.70 -16.83
CA SER A 93 2.64 10.32 -16.83
C SER A 93 2.57 11.60 -17.62
N ILE A 94 3.59 12.43 -17.47
CA ILE A 94 3.67 13.66 -18.23
C ILE A 94 5.05 13.69 -18.82
N PRO A 95 5.22 13.20 -20.04
CA PRO A 95 6.54 13.12 -20.66
C PRO A 95 7.28 14.44 -20.55
N GLY A 96 8.57 14.34 -20.21
CA GLY A 96 9.40 15.52 -19.93
C GLY A 96 9.24 16.10 -18.54
N LYS A 97 8.30 15.61 -17.72
CA LYS A 97 7.99 16.22 -16.42
C LYS A 97 7.71 15.24 -15.24
N LYS A 98 6.99 14.18 -15.55
CA LYS A 98 6.53 13.24 -14.54
C LYS A 98 6.66 11.89 -15.18
N ALA A 99 7.48 11.05 -14.60
CA ALA A 99 7.79 9.78 -15.18
C ALA A 99 6.80 8.67 -14.82
N VAL A 100 6.40 8.62 -13.58
CA VAL A 100 5.60 7.54 -13.09
C VAL A 100 4.17 7.61 -13.64
N GLU A 101 3.54 6.44 -13.81
CA GLU A 101 2.15 6.33 -14.17
C GLU A 101 1.59 5.11 -13.47
N SER A 102 0.29 5.08 -13.27
CA SER A 102 -0.28 3.99 -12.49
C SER A 102 -1.75 3.79 -12.74
N PHE A 103 -2.25 2.66 -12.27
CA PHE A 103 -3.66 2.31 -12.35
C PHE A 103 -4.10 1.83 -10.97
N CYS A 104 -5.12 2.46 -10.42
CA CYS A 104 -5.62 2.13 -9.09
C CYS A 104 -7.02 1.54 -9.19
N TYR A 105 -7.28 0.51 -8.42
CA TYR A 105 -8.60 -0.03 -8.26
C TYR A 105 -8.87 -0.34 -6.79
N LEU A 106 -10.15 -0.34 -6.48
CA LEU A 106 -10.68 -0.54 -5.15
C LEU A 106 -11.41 -1.88 -5.04
N ASN A 107 -12.06 -2.04 -3.92
CA ASN A 107 -12.90 -3.21 -3.66
C ASN A 107 -13.83 -3.54 -4.85
N PRO A 108 -13.69 -4.73 -5.44
CA PRO A 108 -14.61 -5.12 -6.50
C PRO A 108 -16.08 -5.19 -6.09
N ASN A 109 -16.36 -5.26 -4.79
CA ASN A 109 -17.73 -5.27 -4.29
C ASN A 109 -18.33 -3.87 -4.30
N PHE A 110 -17.57 -2.82 -4.61
CA PHE A 110 -18.16 -1.49 -4.75
C PHE A 110 -18.77 -1.41 -6.13
N THR A 111 -19.98 -1.93 -6.22
CA THR A 111 -20.75 -1.99 -7.45
C THR A 111 -21.81 -0.88 -7.39
N PRO A 112 -22.49 -0.65 -8.50
CA PRO A 112 -23.46 0.43 -8.52
C PRO A 112 -24.55 0.35 -7.47
N ASP A 113 -24.91 -0.85 -7.04
CA ASP A 113 -25.95 -1.07 -6.07
C ASP A 113 -25.42 -1.09 -4.61
N HIS A 114 -24.11 -0.95 -4.41
CA HIS A 114 -23.59 -1.04 -3.05
C HIS A 114 -24.10 0.15 -2.25
N PRO A 115 -24.54 -0.06 -1.01
CA PRO A 115 -25.13 1.03 -0.23
C PRO A 115 -24.25 2.29 -0.10
N ARG A 116 -22.93 2.13 -0.04
CA ARG A 116 -22.07 3.29 0.07
C ARG A 116 -21.88 4.03 -1.26
N ILE A 117 -22.00 3.32 -2.38
CA ILE A 117 -21.97 3.92 -3.70
C ILE A 117 -23.28 4.65 -3.89
N GLN A 118 -24.40 4.05 -3.50
CA GLN A 118 -25.69 4.74 -3.66
C GLN A 118 -25.68 6.02 -2.85
N ALA A 119 -25.09 6.01 -1.68
CA ALA A 119 -25.06 7.21 -0.81
C ALA A 119 -24.03 8.23 -1.24
N LYS A 120 -23.17 7.83 -2.17
CA LYS A 120 -22.07 8.67 -2.63
C LYS A 120 -21.13 9.02 -1.48
N THR A 121 -20.86 8.07 -0.60
CA THR A 121 -19.98 8.31 0.51
C THR A 121 -18.57 8.52 0.01
N PRO A 122 -17.87 9.55 0.50
CA PRO A 122 -16.48 9.76 0.11
C PRO A 122 -15.61 8.51 0.28
N THR A 123 -14.64 8.42 -0.61
CA THR A 123 -13.63 7.34 -0.74
C THR A 123 -14.15 6.04 -1.37
N HIS A 124 -15.45 5.93 -1.62
CA HIS A 124 -16.02 4.76 -2.29
C HIS A 124 -16.31 5.12 -3.73
N GLU A 125 -15.82 4.28 -4.64
CA GLU A 125 -16.04 4.46 -6.07
C GLU A 125 -16.19 3.10 -6.72
N VAL A 126 -16.87 3.09 -7.86
CA VAL A 126 -16.94 1.93 -8.72
C VAL A 126 -15.72 1.89 -9.63
N ASN A 127 -15.00 0.80 -9.61
CA ASN A 127 -13.84 0.68 -10.45
C ASN A 127 -14.13 0.88 -11.92
N VAL A 128 -13.13 1.40 -12.63
CA VAL A 128 -13.15 1.52 -14.09
C VAL A 128 -12.14 0.55 -14.67
N TRP A 129 -12.44 -0.04 -15.82
CA TRP A 129 -11.59 -1.05 -16.42
C TRP A 129 -11.45 -0.81 -17.91
N PRO A 130 -10.32 -1.20 -18.47
CA PRO A 130 -10.16 -1.09 -19.92
C PRO A 130 -11.10 -2.07 -20.60
N ASP A 131 -11.21 -1.94 -21.92
CA ASP A 131 -11.99 -2.83 -22.71
C ASP A 131 -11.47 -4.27 -22.65
N GLU A 132 -12.38 -5.20 -22.41
CA GLU A 132 -12.00 -6.62 -22.34
C GLU A 132 -11.30 -7.15 -23.61
N THR A 133 -11.76 -6.75 -24.80
CA THR A 133 -11.14 -7.25 -26.03
C THR A 133 -9.71 -6.77 -26.18
N LYS A 134 -9.42 -5.59 -25.67
CA LYS A 134 -8.07 -5.02 -25.72
C LYS A 134 -7.13 -5.58 -24.65
N HIS A 135 -7.73 -5.95 -23.51
CA HIS A 135 -6.95 -6.48 -22.38
C HIS A 135 -7.58 -7.76 -21.87
N PRO A 136 -7.56 -8.79 -22.68
CA PRO A 136 -8.29 -10.00 -22.28
C PRO A 136 -7.79 -10.57 -20.96
N GLY A 137 -8.74 -10.85 -20.07
CA GLY A 137 -8.44 -11.49 -18.80
C GLY A 137 -7.94 -10.54 -17.72
N PHE A 138 -7.64 -9.31 -18.07
CA PHE A 138 -7.03 -8.39 -17.11
C PHE A 138 -7.94 -8.09 -15.94
N GLN A 139 -9.17 -7.67 -16.18
CA GLN A 139 -10.07 -7.35 -15.10
C GLN A 139 -10.23 -8.56 -14.19
N ASP A 140 -10.43 -9.74 -14.74
CA ASP A 140 -10.64 -10.93 -13.91
C ASP A 140 -9.41 -11.23 -13.10
N PHE A 141 -8.24 -11.11 -13.70
CA PHE A 141 -7.01 -11.34 -12.98
C PHE A 141 -6.86 -10.35 -11.83
N ALA A 142 -7.10 -9.08 -12.10
CA ALA A 142 -6.89 -8.04 -11.13
C ALA A 142 -7.85 -8.16 -9.96
N GLU A 143 -9.09 -8.52 -10.24
CA GLU A 143 -10.07 -8.72 -9.16
C GLU A 143 -9.66 -9.90 -8.29
N GLN A 144 -9.26 -11.00 -8.91
CA GLN A 144 -8.78 -12.14 -8.14
C GLN A 144 -7.55 -11.78 -7.32
N TYR A 145 -6.68 -10.94 -7.86
CA TYR A 145 -5.48 -10.54 -7.12
C TYR A 145 -5.90 -9.80 -5.87
N TYR A 146 -6.88 -8.94 -6.02
CA TYR A 146 -7.39 -8.20 -4.87
C TYR A 146 -7.73 -9.17 -3.76
N TRP A 147 -8.48 -10.23 -4.08
CA TRP A 147 -8.86 -11.18 -3.05
C TRP A 147 -7.69 -12.01 -2.54
N ASP A 148 -6.71 -12.30 -3.39
CA ASP A 148 -5.55 -13.06 -2.94
C ASP A 148 -4.77 -12.21 -1.94
N VAL A 149 -4.56 -10.90 -2.23
CA VAL A 149 -3.76 -10.09 -1.31
C VAL A 149 -4.62 -9.68 -0.10
N PHE A 150 -5.94 -9.60 -0.25
CA PHE A 150 -6.81 -9.44 0.92
C PHE A 150 -6.60 -10.59 1.86
N GLY A 151 -6.53 -11.81 1.36
CA GLY A 151 -6.34 -12.98 2.22
C GLY A 151 -5.02 -12.94 2.96
N LEU A 152 -3.93 -12.59 2.26
CA LEU A 152 -2.62 -12.46 2.90
C LEU A 152 -2.72 -11.38 3.97
N SER A 153 -3.32 -10.24 3.64
CA SER A 153 -3.41 -9.14 4.57
C SER A 153 -4.22 -9.52 5.81
N SER A 154 -5.29 -10.26 5.66
CA SER A 154 -6.04 -10.74 6.82
C SER A 154 -5.14 -11.56 7.71
N ALA A 155 -4.34 -12.44 7.15
CA ALA A 155 -3.42 -13.25 7.93
C ALA A 155 -2.42 -12.34 8.63
N LEU A 156 -1.84 -11.39 7.93
CA LEU A 156 -0.90 -10.48 8.56
C LEU A 156 -1.54 -9.72 9.71
N LEU A 157 -2.79 -9.30 9.54
CA LEU A 157 -3.49 -8.56 10.59
C LEU A 157 -3.69 -9.43 11.81
N LYS A 158 -3.85 -10.73 11.68
CA LYS A 158 -3.90 -11.61 12.84
C LYS A 158 -2.54 -11.58 13.56
N GLY A 159 -1.43 -11.58 12.83
CA GLY A 159 -0.10 -11.51 13.43
C GLY A 159 0.10 -10.20 14.17
N TYR A 160 -0.30 -9.07 13.60
CA TYR A 160 -0.16 -7.78 14.29
C TYR A 160 -1.03 -7.73 15.54
N ALA A 161 -2.23 -8.25 15.48
CA ALA A 161 -3.10 -8.28 16.64
C ALA A 161 -2.45 -9.09 17.76
N LEU A 162 -1.97 -10.27 17.47
CA LEU A 162 -1.33 -11.11 18.50
C LEU A 162 -0.09 -10.40 19.02
N ALA A 163 0.67 -9.75 18.15
CA ALA A 163 1.88 -9.03 18.54
C ALA A 163 1.58 -7.95 19.59
N LEU A 164 0.41 -7.32 19.50
CA LEU A 164 0.05 -6.23 20.37
C LEU A 164 -0.66 -6.70 21.63
N GLY A 165 -0.72 -7.99 21.86
CA GLY A 165 -1.41 -8.51 23.04
C GLY A 165 -2.90 -8.66 22.94
N LYS A 166 -3.44 -8.62 21.72
CA LYS A 166 -4.87 -8.71 21.47
C LYS A 166 -5.23 -10.11 20.94
N GLU A 167 -6.53 -10.37 20.83
CA GLU A 167 -7.03 -11.57 20.18
C GLU A 167 -6.77 -11.43 18.68
N GLU A 168 -6.71 -12.55 17.96
CA GLU A 168 -6.23 -12.47 16.58
C GLU A 168 -7.15 -11.75 15.64
N ASN A 169 -8.43 -11.60 15.99
CA ASN A 169 -9.35 -10.88 15.11
C ASN A 169 -9.47 -9.39 15.42
N PHE A 170 -8.59 -8.84 16.24
CA PHE A 170 -8.71 -7.46 16.67
C PHE A 170 -8.77 -6.41 15.56
N PHE A 171 -7.93 -6.61 14.55
CA PHE A 171 -7.98 -5.76 13.35
C PHE A 171 -8.85 -6.40 12.29
N ALA A 172 -8.67 -7.68 12.07
CA ALA A 172 -9.33 -8.39 10.97
C ALA A 172 -10.86 -8.32 11.01
N ARG A 173 -11.46 -8.20 12.19
CA ARG A 173 -12.92 -8.06 12.28
C ARG A 173 -13.45 -6.81 11.62
N HIS A 174 -12.58 -5.84 11.37
CA HIS A 174 -12.92 -4.58 10.72
C HIS A 174 -12.48 -4.53 9.25
N PHE A 175 -11.91 -5.63 8.79
CA PHE A 175 -11.35 -5.77 7.44
C PHE A 175 -12.19 -6.80 6.72
N LYS A 176 -13.22 -6.36 5.98
CA LYS A 176 -14.26 -7.27 5.51
C LYS A 176 -14.45 -7.08 4.02
N PRO A 177 -14.69 -8.17 3.29
CA PRO A 177 -14.89 -8.05 1.85
C PRO A 177 -15.98 -7.09 1.42
N ASP A 178 -17.06 -6.97 2.18
CA ASP A 178 -18.17 -6.17 1.71
C ASP A 178 -17.89 -4.69 1.83
N ASP A 179 -16.93 -4.26 2.66
CA ASP A 179 -16.77 -2.83 2.85
C ASP A 179 -15.36 -2.28 2.94
N THR A 180 -14.33 -3.10 2.79
CA THR A 180 -12.99 -2.55 2.91
C THR A 180 -12.69 -1.46 1.91
N LEU A 181 -11.99 -0.42 2.38
CA LEU A 181 -11.54 0.69 1.57
C LEU A 181 -10.14 0.45 1.00
N ALA A 182 -9.67 -0.79 1.09
CA ALA A 182 -8.35 -1.13 0.59
C ALA A 182 -8.21 -0.92 -0.90
N SER A 183 -7.00 -0.56 -1.34
CA SER A 183 -6.76 -0.33 -2.76
C SER A 183 -5.53 -1.06 -3.26
N VAL A 184 -5.54 -1.41 -4.54
CA VAL A 184 -4.37 -1.89 -5.23
C VAL A 184 -3.94 -0.77 -6.17
N VAL A 185 -2.64 -0.53 -6.25
CA VAL A 185 -2.09 0.36 -7.22
C VAL A 185 -1.05 -0.34 -8.05
N LEU A 186 -1.21 -0.30 -9.36
CA LEU A 186 -0.26 -0.90 -10.28
C LEU A 186 0.61 0.20 -10.86
N ILE A 187 1.75 0.44 -10.22
CA ILE A 187 2.64 1.55 -10.60
C ILE A 187 3.73 1.12 -11.55
N ARG A 188 3.89 1.87 -12.62
CA ARG A 188 4.94 1.70 -13.59
C ARG A 188 5.95 2.83 -13.42
N TYR A 189 7.19 2.47 -13.11
CA TYR A 189 8.31 3.38 -13.13
C TYR A 189 9.11 3.05 -14.37
N PRO A 190 9.21 3.95 -15.34
CA PRO A 190 9.86 3.67 -16.60
C PRO A 190 11.35 3.87 -16.63
N TYR A 191 11.96 3.14 -17.55
CA TYR A 191 13.29 3.48 -18.05
C TYR A 191 13.13 4.58 -19.12
N LEU A 192 13.91 5.63 -19.01
CA LEU A 192 13.88 6.74 -19.95
C LEU A 192 15.29 7.21 -20.28
N ASP A 193 15.54 7.40 -21.55
CA ASP A 193 16.84 7.88 -22.02
C ASP A 193 16.58 8.93 -23.07
N PRO A 194 16.77 10.22 -22.74
CA PRO A 194 17.26 10.72 -21.46
C PRO A 194 16.17 10.78 -20.42
N TYR A 195 16.56 10.78 -19.16
CA TYR A 195 15.58 10.86 -18.08
C TYR A 195 15.40 12.34 -17.73
N PRO A 196 14.19 12.86 -17.80
CA PRO A 196 13.98 14.30 -17.57
C PRO A 196 14.27 14.69 -16.11
N GLU A 197 15.14 15.68 -15.97
CA GLU A 197 15.52 16.22 -14.65
C GLU A 197 14.30 16.70 -13.90
N ALA A 198 13.32 17.23 -14.60
CA ALA A 198 12.13 17.69 -13.94
C ALA A 198 11.39 16.57 -13.24
N ALA A 199 11.62 15.31 -13.65
CA ALA A 199 10.96 14.18 -13.02
C ALA A 199 11.77 13.60 -11.86
N ILE A 200 12.89 14.25 -11.55
CA ILE A 200 13.76 13.81 -10.48
C ILE A 200 13.76 14.87 -9.39
N LYS A 201 13.52 14.44 -8.17
CA LYS A 201 13.53 15.32 -7.04
C LYS A 201 14.84 15.11 -6.34
N THR A 202 15.24 16.06 -5.50
CA THR A 202 16.48 15.95 -4.77
C THR A 202 16.23 16.18 -3.30
N ALA A 203 16.65 15.23 -2.47
CA ALA A 203 16.51 15.33 -1.01
C ALA A 203 17.51 16.29 -0.41
N ALA A 204 17.28 16.67 0.84
CA ALA A 204 18.19 17.59 1.50
C ALA A 204 19.58 17.01 1.56
N ASP A 205 19.69 15.68 1.68
CA ASP A 205 20.98 15.02 1.73
C ASP A 205 21.58 14.79 0.33
N GLY A 206 20.93 15.24 -0.73
CA GLY A 206 21.47 15.13 -2.06
C GLY A 206 21.04 13.92 -2.85
N THR A 207 20.31 13.04 -2.20
CA THR A 207 19.86 11.83 -2.86
C THR A 207 18.82 12.16 -3.91
N LYS A 208 19.00 11.58 -5.10
CA LYS A 208 18.01 11.77 -6.14
C LYS A 208 16.83 10.84 -5.86
N LEU A 209 15.63 11.40 -5.96
CA LEU A 209 14.39 10.72 -5.58
C LEU A 209 13.34 10.75 -6.65
N SER A 210 12.49 9.75 -6.66
CA SER A 210 11.29 9.79 -7.46
C SER A 210 10.11 10.22 -6.60
N PHE A 211 10.16 9.99 -5.27
CA PHE A 211 9.04 10.35 -4.38
C PHE A 211 9.65 10.65 -3.02
N GLU A 212 9.21 11.77 -2.46
CA GLU A 212 9.79 12.29 -1.22
C GLU A 212 9.31 11.54 0.04
N TRP A 213 9.90 11.90 1.15
CA TRP A 213 9.64 11.26 2.43
C TRP A 213 8.17 11.39 2.80
N HIS A 214 7.68 10.32 3.42
CA HIS A 214 6.31 10.29 3.85
C HIS A 214 6.10 9.12 4.78
N GLU A 215 4.95 9.18 5.46
CA GLU A 215 4.40 8.05 6.17
C GLU A 215 3.23 7.56 5.34
N ASP A 216 2.98 6.26 5.36
CA ASP A 216 1.82 5.77 4.60
C ASP A 216 0.46 6.05 5.22
N VAL A 217 -0.52 6.25 4.34
CA VAL A 217 -1.91 6.36 4.69
C VAL A 217 -2.52 4.95 4.56
N SER A 218 -2.47 4.23 5.65
CA SER A 218 -2.92 2.85 5.73
C SER A 218 -2.89 2.37 7.15
N LEU A 219 -3.50 1.22 7.38
CA LEU A 219 -3.26 0.44 8.61
C LEU A 219 -1.90 -0.25 8.47
N ILE A 220 -1.77 -1.08 7.45
CA ILE A 220 -0.50 -1.62 6.98
C ILE A 220 -0.50 -1.53 5.47
N THR A 221 0.69 -1.62 4.92
CA THR A 221 0.93 -1.60 3.46
C THR A 221 1.61 -2.91 3.10
N VAL A 222 1.14 -3.56 2.04
CA VAL A 222 1.56 -4.90 1.64
C VAL A 222 2.03 -4.78 0.17
N LEU A 223 3.33 -4.75 -0.02
CA LEU A 223 3.94 -4.30 -1.27
C LEU A 223 4.73 -5.32 -2.02
N TYR A 224 4.44 -5.48 -3.30
CA TYR A 224 5.30 -6.24 -4.20
C TYR A 224 6.07 -5.20 -5.06
N GLN A 225 7.36 -5.39 -5.21
CA GLN A 225 8.21 -4.59 -6.10
C GLN A 225 9.12 -5.47 -6.90
N SER A 226 9.46 -5.00 -8.10
CA SER A 226 10.51 -5.63 -8.90
C SER A 226 11.77 -5.73 -8.14
N ASN A 227 12.71 -6.52 -8.67
CA ASN A 227 13.99 -6.68 -8.03
C ASN A 227 15.01 -5.61 -8.45
N VAL A 228 14.73 -4.38 -8.03
CA VAL A 228 15.55 -3.23 -8.27
C VAL A 228 15.46 -2.39 -7.00
N GLN A 229 16.59 -2.23 -6.32
CA GLN A 229 16.62 -1.53 -5.03
C GLN A 229 16.21 -0.07 -5.21
N ASN A 230 15.36 0.43 -4.31
CA ASN A 230 14.90 1.83 -4.45
C ASN A 230 14.43 2.46 -3.19
N LEU A 231 13.89 1.68 -2.26
CA LEU A 231 13.31 2.26 -1.03
C LEU A 231 14.33 2.55 0.06
N GLN A 232 14.11 3.65 0.79
CA GLN A 232 14.91 3.96 1.93
C GLN A 232 14.01 4.29 3.12
N VAL A 233 14.48 3.90 4.30
CA VAL A 233 13.77 4.16 5.55
C VAL A 233 14.63 5.03 6.45
N GLU A 234 14.00 6.03 7.07
CA GLU A 234 14.67 6.87 8.03
C GLU A 234 14.76 6.11 9.36
N THR A 235 15.99 6.02 9.89
CA THR A 235 16.19 5.46 11.23
C THR A 235 17.01 6.44 12.04
N ALA A 236 17.31 6.11 13.30
CA ALA A 236 18.14 7.02 14.11
C ALA A 236 19.53 7.10 13.49
N ALA A 237 19.91 6.08 12.74
CA ALA A 237 21.18 6.09 12.06
C ALA A 237 21.12 6.76 10.69
N GLY A 238 19.98 7.40 10.37
CA GLY A 238 19.83 8.10 9.11
C GLY A 238 19.02 7.26 8.11
N TYR A 239 18.97 7.68 6.84
CA TYR A 239 18.25 6.89 5.84
C TYR A 239 19.06 5.66 5.50
N GLN A 240 18.41 4.51 5.49
CA GLN A 240 19.05 3.26 5.15
C GLN A 240 18.34 2.62 3.98
N ASP A 241 19.08 1.88 3.16
CA ASP A 241 18.51 1.20 2.01
C ASP A 241 17.78 -0.08 2.38
N ILE A 242 16.56 -0.20 1.87
CA ILE A 242 15.81 -1.44 2.02
C ILE A 242 16.13 -2.30 0.82
N GLU A 243 16.64 -3.49 1.07
CA GLU A 243 16.97 -4.40 -0.02
C GLU A 243 15.72 -4.83 -0.77
N ALA A 244 15.88 -5.05 -2.06
CA ALA A 244 14.78 -5.55 -2.84
C ALA A 244 14.68 -7.06 -2.63
N ASP A 245 13.47 -7.58 -2.79
CA ASP A 245 13.19 -9.00 -2.73
C ASP A 245 11.87 -9.18 -3.52
N ASP A 246 11.99 -9.50 -4.78
CA ASP A 246 10.80 -9.71 -5.62
C ASP A 246 10.14 -11.10 -5.47
N THR A 247 10.51 -11.83 -4.42
CA THR A 247 9.79 -13.04 -4.07
C THR A 247 8.91 -12.84 -2.84
N GLY A 248 9.15 -11.80 -2.06
CA GLY A 248 8.38 -11.56 -0.85
C GLY A 248 7.56 -10.29 -0.95
N TYR A 249 6.74 -10.07 0.06
CA TYR A 249 6.00 -8.84 0.19
C TYR A 249 6.65 -7.98 1.26
N LEU A 250 6.91 -6.73 0.94
CA LEU A 250 7.45 -5.81 1.92
C LEU A 250 6.29 -5.23 2.71
N ILE A 251 6.33 -5.34 4.03
CA ILE A 251 5.28 -4.93 4.92
C ILE A 251 5.74 -3.81 5.81
N ASN A 252 4.88 -2.81 5.98
CA ASN A 252 5.12 -1.76 6.99
C ASN A 252 3.80 -1.25 7.49
N CYS A 253 3.86 -0.62 8.66
CA CYS A 253 2.69 0.07 9.21
C CYS A 253 2.45 1.43 8.62
N GLY A 254 1.17 1.83 8.53
CA GLY A 254 0.78 3.19 8.17
C GLY A 254 0.41 3.96 9.44
N SER A 255 0.05 5.21 9.22
CA SER A 255 -0.15 6.11 10.36
C SER A 255 -1.41 5.75 11.15
N TYR A 256 -2.35 4.98 10.61
CA TYR A 256 -3.49 4.55 11.43
C TYR A 256 -2.99 3.59 12.51
N MET A 257 -2.04 2.72 12.19
CA MET A 257 -1.51 1.81 13.21
C MET A 257 -0.78 2.61 14.26
N ALA A 258 -0.05 3.62 13.83
CA ALA A 258 0.69 4.45 14.79
C ALA A 258 -0.29 5.11 15.72
N HIS A 259 -1.40 5.59 15.18
CA HIS A 259 -2.43 6.23 16.02
C HIS A 259 -2.99 5.26 17.05
N LEU A 260 -3.38 4.07 16.59
CA LEU A 260 -4.02 3.11 17.47
C LEU A 260 -3.13 2.59 18.56
N THR A 261 -1.82 2.53 18.28
CA THR A 261 -0.84 1.97 19.23
C THR A 261 -0.08 3.05 20.01
N ASN A 262 -0.51 4.30 19.85
CA ASN A 262 0.20 5.43 20.47
C ASN A 262 1.68 5.41 20.13
N ASN A 263 1.96 5.20 18.85
CA ASN A 263 3.33 5.20 18.33
C ASN A 263 4.21 4.06 18.82
N TYR A 264 3.65 3.03 19.47
CA TYR A 264 4.43 1.82 19.78
C TYR A 264 4.92 1.19 18.47
N TYR A 265 4.00 1.05 17.51
CA TYR A 265 4.35 0.69 16.15
C TYR A 265 4.22 1.96 15.33
N LYS A 266 5.35 2.60 15.08
CA LYS A 266 5.40 3.83 14.34
C LYS A 266 5.13 3.54 12.87
N ALA A 267 4.65 4.55 12.16
CA ALA A 267 4.60 4.49 10.73
C ALA A 267 5.96 4.95 10.23
N PRO A 268 6.77 4.06 9.69
CA PRO A 268 8.10 4.49 9.29
C PRO A 268 8.12 5.50 8.20
N ILE A 269 9.01 6.49 8.31
CA ILE A 269 9.20 7.46 7.26
C ILE A 269 10.11 6.85 6.22
N HIS A 270 9.69 6.90 4.97
CA HIS A 270 10.46 6.29 3.90
C HIS A 270 10.31 7.09 2.63
N ARG A 271 11.14 6.82 1.65
CA ARG A 271 11.17 7.57 0.40
C ARG A 271 11.64 6.64 -0.72
N VAL A 272 11.46 7.08 -1.95
CA VAL A 272 11.77 6.28 -3.12
C VAL A 272 12.88 6.95 -3.87
N LYS A 273 14.04 6.30 -3.93
CA LYS A 273 15.15 6.80 -4.74
C LYS A 273 14.82 6.73 -6.22
N TRP A 274 15.35 7.69 -6.96
CA TRP A 274 15.32 7.70 -8.39
C TRP A 274 16.26 6.62 -8.88
N VAL A 275 15.73 5.76 -9.74
CA VAL A 275 16.53 4.73 -10.39
C VAL A 275 16.07 4.73 -11.85
N ASN A 276 16.99 4.77 -12.81
CA ASN A 276 16.59 4.74 -14.21
C ASN A 276 16.46 3.29 -14.66
N ALA A 277 15.31 2.71 -14.35
CA ALA A 277 15.00 1.30 -14.61
C ALA A 277 13.52 1.14 -14.81
N GLU A 278 13.18 0.25 -15.71
CA GLU A 278 11.82 -0.15 -15.99
C GLU A 278 11.42 -1.13 -14.89
N ARG A 279 10.51 -0.72 -14.01
CA ARG A 279 10.17 -1.54 -12.86
C ARG A 279 8.74 -1.31 -12.41
N GLN A 280 8.33 -2.15 -11.49
CA GLN A 280 6.97 -2.18 -10.98
C GLN A 280 6.96 -1.98 -9.49
N SER A 281 5.96 -1.28 -9.02
CA SER A 281 5.69 -1.12 -7.59
C SER A 281 4.17 -1.32 -7.42
N LEU A 282 3.78 -2.36 -6.73
CA LEU A 282 2.38 -2.83 -6.68
C LEU A 282 1.92 -2.94 -5.21
N PRO A 283 1.64 -1.80 -4.57
CA PRO A 283 1.13 -1.82 -3.21
C PRO A 283 -0.31 -2.19 -3.09
N PHE A 284 -0.63 -2.82 -1.96
CA PHE A 284 -2.01 -3.01 -1.49
C PHE A 284 -2.04 -2.25 -0.19
N PHE A 285 -2.90 -1.24 -0.13
CA PHE A 285 -3.05 -0.44 1.07
C PHE A 285 -4.17 -1.05 1.87
N VAL A 286 -3.84 -1.56 3.06
CA VAL A 286 -4.81 -2.22 3.93
C VAL A 286 -5.57 -1.16 4.68
N ASN A 287 -6.77 -0.85 4.19
CA ASN A 287 -7.68 0.13 4.79
C ASN A 287 -8.87 -0.63 5.38
N LEU A 288 -9.44 -0.13 6.47
CA LEU A 288 -10.63 -0.73 7.08
C LEU A 288 -11.91 -0.22 6.41
N GLY A 289 -13.05 -0.37 7.07
CA GLY A 289 -14.31 0.20 6.56
C GLY A 289 -14.47 1.65 6.90
N TYR A 290 -15.39 2.33 6.22
CA TYR A 290 -15.58 3.76 6.42
C TYR A 290 -15.91 4.12 7.88
N ASP A 291 -16.71 3.30 8.52
CA ASP A 291 -17.14 3.55 9.90
C ASP A 291 -16.34 2.78 10.94
N SER A 292 -15.29 2.10 10.54
CA SER A 292 -14.50 1.33 11.47
C SER A 292 -13.77 2.25 12.46
N VAL A 293 -13.95 1.97 13.75
CA VAL A 293 -13.23 2.71 14.75
C VAL A 293 -12.66 1.70 15.72
N ILE A 294 -11.36 1.80 15.93
CA ILE A 294 -10.72 1.00 16.94
C ILE A 294 -10.30 1.96 18.05
N ASP A 295 -10.61 1.64 19.30
CA ASP A 295 -10.24 2.49 20.42
C ASP A 295 -8.73 2.42 20.59
N PRO A 296 -8.08 3.58 20.55
CA PRO A 296 -6.63 3.62 20.72
C PRO A 296 -6.20 3.12 22.08
N PHE A 297 -5.04 2.48 22.10
CA PHE A 297 -4.46 1.89 23.30
C PHE A 297 -2.96 2.10 23.29
N ASP A 298 -2.28 1.67 24.36
CA ASP A 298 -0.85 1.84 24.50
C ASP A 298 -0.25 0.63 25.18
N PRO A 299 0.36 -0.26 24.41
CA PRO A 299 0.97 -1.49 24.93
C PRO A 299 2.27 -1.30 25.73
N ARG A 300 2.68 -0.05 25.91
CA ARG A 300 3.81 0.24 26.79
C ARG A 300 3.32 0.74 28.15
N GLU A 301 2.04 0.97 28.31
CA GLU A 301 1.49 1.44 29.58
C GLU A 301 0.76 0.36 30.37
N PRO A 302 1.02 0.28 31.67
CA PRO A 302 0.39 -0.76 32.46
C PRO A 302 -1.12 -0.90 32.27
N ASN A 303 -1.87 0.19 32.29
CA ASN A 303 -3.33 0.08 32.09
C ASN A 303 -3.77 0.05 30.61
N GLY A 304 -2.81 0.05 29.70
CA GLY A 304 -3.12 0.05 28.29
C GLY A 304 -3.82 1.29 27.76
N LYS A 305 -4.02 2.32 28.58
CA LYS A 305 -4.76 3.50 28.12
C LYS A 305 -3.93 4.49 27.33
N SER A 306 -4.60 5.20 26.43
CA SER A 306 -3.90 6.15 25.62
C SER A 306 -4.63 7.49 25.63
N ASP A 307 -3.89 8.58 25.45
CA ASP A 307 -4.50 9.91 25.42
C ASP A 307 -4.79 10.38 23.99
N ARG A 308 -5.01 9.43 23.10
CA ARG A 308 -5.45 9.72 21.74
C ARG A 308 -6.95 9.49 21.65
N GLU A 309 -7.62 10.26 20.82
CA GLU A 309 -9.05 10.08 20.61
C GLU A 309 -9.35 9.12 19.46
N PRO A 310 -10.43 8.38 19.59
CA PRO A 310 -10.83 7.51 18.49
C PRO A 310 -11.08 8.29 17.23
N LEU A 311 -10.67 7.67 16.13
CA LEU A 311 -10.73 8.26 14.81
C LEU A 311 -11.32 7.21 13.88
N SER A 312 -12.44 7.53 13.22
CA SER A 312 -13.00 6.58 12.24
C SER A 312 -12.07 6.45 11.06
N TYR A 313 -12.05 5.25 10.48
CA TYR A 313 -11.13 5.02 9.36
C TYR A 313 -11.44 5.87 8.13
N GLY A 314 -12.72 6.07 7.87
CA GLY A 314 -13.15 6.91 6.77
C GLY A 314 -12.65 8.34 6.89
N ASP A 315 -12.71 8.88 8.12
CA ASP A 315 -12.22 10.24 8.39
C ASP A 315 -10.71 10.24 8.12
N TYR A 316 -10.03 9.28 8.70
CA TYR A 316 -8.59 9.17 8.55
C TYR A 316 -8.15 9.11 7.10
N LEU A 317 -8.84 8.24 6.36
CA LEU A 317 -8.48 8.03 4.95
C LEU A 317 -8.75 9.24 4.08
N GLN A 318 -9.95 9.79 4.14
CA GLN A 318 -10.25 10.90 3.22
C GLN A 318 -9.24 12.04 3.47
N ASN A 319 -9.00 12.32 4.74
CA ASN A 319 -8.07 13.40 5.03
C ASN A 319 -6.62 13.06 4.71
N GLY A 320 -6.24 11.81 4.88
CA GLY A 320 -4.87 11.43 4.57
C GLY A 320 -4.53 11.45 3.11
N LEU A 321 -5.46 11.04 2.27
CA LEU A 321 -5.14 10.95 0.85
C LEU A 321 -4.94 12.34 0.28
N VAL A 322 -5.73 13.28 0.77
CA VAL A 322 -5.62 14.67 0.32
C VAL A 322 -4.30 15.25 0.78
N SER A 323 -3.96 15.02 2.04
CA SER A 323 -2.73 15.57 2.59
C SER A 323 -1.50 15.06 1.89
N LEU A 324 -1.55 13.80 1.51
CA LEU A 324 -0.46 13.22 0.80
C LEU A 324 -0.21 13.90 -0.54
N ILE A 325 -1.28 14.17 -1.25
CA ILE A 325 -1.18 14.86 -2.53
C ILE A 325 -0.67 16.29 -2.34
N ASN A 326 -1.15 16.94 -1.28
CA ASN A 326 -0.67 18.27 -1.01
C ASN A 326 0.83 18.28 -0.70
N LYS A 327 1.29 17.31 0.10
CA LYS A 327 2.69 17.27 0.53
C LYS A 327 3.66 16.83 -0.57
N ASN A 328 3.35 15.71 -1.22
CA ASN A 328 4.28 15.09 -2.16
C ASN A 328 3.84 15.12 -3.62
N GLY A 329 2.72 15.80 -3.91
CA GLY A 329 2.28 15.95 -5.27
C GLY A 329 1.31 14.91 -5.79
N GLN A 330 0.55 15.29 -6.81
CA GLN A 330 -0.38 14.37 -7.43
C GLN A 330 0.40 13.33 -8.22
N THR A 331 0.19 12.05 -7.91
CA THR A 331 0.86 10.96 -8.63
C THR A 331 0.15 10.62 -9.94
FE FE2 B . 4.83 4.70 1.05
O43 W2X C . 5.96 5.03 -5.23
C31 W2X C . 5.91 3.80 -4.92
O42 W2X C . 6.65 2.91 -5.29
C30 W2X C . 4.81 3.42 -3.92
O29 W2X C . 4.26 4.65 -3.45
C13 W2X C . 2.91 4.86 -3.33
O18 W2X C . 2.11 3.99 -3.67
C12 W2X C . 2.43 6.18 -2.81
C16 W2X C . 2.93 6.45 -1.41
S17 W2X C . 2.85 5.11 -0.14
C25 W2X C . 3.24 7.78 -1.12
N11 W2X C . 1.03 6.03 -2.46
C10 W2X C . 0.11 6.89 -2.80
O15 W2X C . 0.47 7.77 -3.58
C7 W2X C . -1.29 6.71 -2.30
C4 W2X C . -2.12 5.97 -3.35
C3 W2X C . -3.52 5.84 -2.76
C2 W2X C . -4.53 5.27 -3.77
N14 W2X C . -4.57 6.19 -4.94
C1 W2X C . -5.88 5.09 -3.10
O20 W2X C . -5.97 4.22 -2.21
O19 W2X C . -6.80 5.84 -3.51
C32 W2X C . 5.34 2.67 -2.70
C37 W2X C . 6.31 3.67 -1.99
C33 W2X C . 4.17 2.10 -1.84
O31 W2X C . 6.02 4.11 -0.66
#